data_5H02
#
_entry.id   5H02
#
_cell.length_a   51.874
_cell.length_b   120.803
_cell.length_c   131.301
_cell.angle_alpha   90.00
_cell.angle_beta   90.00
_cell.angle_gamma   90.00
#
_symmetry.space_group_name_H-M   'I 2 2 2'
#
loop_
_entity.id
_entity.type
_entity.pdbx_description
1 polymer 'Glycine sarcosine N-methyltransferase'
2 non-polymer S-ADENOSYL-L-HOMOCYSTEINE
3 non-polymer 'TRIMETHYL GLYCINE'
4 water water
#
_entity_poly.entity_id   1
_entity_poly.type   'polypeptide(L)'
_entity_poly.pdbx_seq_one_letter_code
;MGSSHHHHHHSSGLVPRGSHMNQYGKQDFGDNPIEVRESDGYTNEYVSGFVDKWDELIDWESRAESEGDTIINILKERGV
KKVLDVATGTGFNSVRLLQAGFDVVSADGSAEMLVKAFDNARDHGYLMRTVQADWRWMNKDIHDKFDAIVCLGNSFTHLF
DEGDRRKALAEFYALLKHDGVLLLDQRNYDAILDDGYSSKHAHYYCGDTVSVYPEHVDEGLARFKYEFSDGSVYNLNMFP
LRKDYTRQLLHEVGFQEINTLGDFKETYKEDEPDFFLHVAEKN
;
_entity_poly.pdbx_strand_id   A
#
# COMPACT_ATOMS: atom_id res chain seq x y z
N ASN A 32 -8.69 14.99 21.19
CA ASN A 32 -9.55 15.77 20.30
C ASN A 32 -10.13 14.89 19.20
N PRO A 33 -11.39 15.16 18.83
CA PRO A 33 -12.02 14.36 17.77
C PRO A 33 -11.46 14.69 16.40
N ILE A 34 -11.52 13.70 15.51
CA ILE A 34 -11.06 13.84 14.13
C ILE A 34 -12.25 14.24 13.26
N GLU A 35 -12.05 15.24 12.42
CA GLU A 35 -13.09 15.73 11.52
C GLU A 35 -12.78 15.30 10.10
N VAL A 36 -13.83 14.91 9.37
CA VAL A 36 -13.68 14.51 7.98
C VAL A 36 -13.56 15.77 7.12
N ARG A 37 -12.46 15.89 6.40
CA ARG A 37 -12.21 17.05 5.56
C ARG A 37 -11.68 16.59 4.22
N GLU A 38 -12.16 17.23 3.14
CA GLU A 38 -11.63 16.93 1.82
C GLU A 38 -10.20 17.38 1.66
N SER A 39 -9.75 18.32 2.49
CA SER A 39 -8.39 18.85 2.44
C SER A 39 -7.90 19.06 3.87
N ASP A 40 -7.13 18.10 4.39
CA ASP A 40 -6.45 18.27 5.66
C ASP A 40 -4.98 17.91 5.44
N GLY A 41 -4.26 17.61 6.52
CA GLY A 41 -2.84 17.32 6.41
C GLY A 41 -2.50 15.97 5.81
N TYR A 42 -3.51 15.12 5.56
CA TYR A 42 -3.25 13.75 5.15
C TYR A 42 -3.85 13.37 3.80
N THR A 43 -4.69 14.21 3.21
CA THR A 43 -5.19 13.97 1.86
C THR A 43 -5.59 15.29 1.23
N ASN A 44 -5.71 15.28 -0.09
CA ASN A 44 -6.18 16.44 -0.84
C ASN A 44 -7.19 15.96 -1.87
N GLU A 45 -7.88 16.93 -2.47
CA GLU A 45 -8.93 16.59 -3.42
C GLU A 45 -8.38 15.85 -4.63
N TYR A 46 -7.11 16.11 -4.99
CA TYR A 46 -6.54 15.47 -6.18
C TYR A 46 -6.34 13.97 -5.96
N VAL A 47 -5.64 13.61 -4.89
CA VAL A 47 -5.42 12.18 -4.61
C VAL A 47 -6.75 11.49 -4.32
N SER A 48 -7.66 12.16 -3.60
CA SER A 48 -8.98 11.57 -3.37
C SER A 48 -9.70 11.31 -4.68
N GLY A 49 -9.62 12.26 -5.61
CA GLY A 49 -10.23 12.03 -6.92
C GLY A 49 -9.62 10.84 -7.62
N PHE A 50 -8.29 10.68 -7.51
CA PHE A 50 -7.61 9.56 -8.14
C PHE A 50 -8.11 8.23 -7.60
N VAL A 51 -8.14 8.08 -6.27
CA VAL A 51 -8.58 6.78 -5.74
C VAL A 51 -10.05 6.56 -6.06
N ASP A 52 -10.87 7.62 -6.09
CA ASP A 52 -12.27 7.47 -6.48
C ASP A 52 -12.38 6.98 -7.91
N LYS A 53 -11.53 7.52 -8.79
CA LYS A 53 -11.58 7.15 -10.20
C LYS A 53 -11.17 5.69 -10.38
N TRP A 54 -10.09 5.27 -9.72
CA TRP A 54 -9.69 3.87 -9.75
C TRP A 54 -10.85 2.98 -9.31
N ASP A 55 -11.48 3.31 -8.18
CA ASP A 55 -12.57 2.48 -7.67
C ASP A 55 -13.82 2.57 -8.53
N GLU A 56 -14.04 3.71 -9.19
CA GLU A 56 -15.22 3.82 -10.05
C GLU A 56 -15.12 2.86 -11.23
N LEU A 57 -13.91 2.67 -11.75
CA LEU A 57 -13.71 1.91 -13.00
C LEU A 57 -13.19 0.49 -12.80
N ILE A 58 -12.67 0.16 -11.62
CA ILE A 58 -12.01 -1.11 -11.37
C ILE A 58 -12.68 -1.76 -10.17
N ASP A 59 -13.48 -2.79 -10.41
CA ASP A 59 -14.19 -3.42 -9.31
C ASP A 59 -13.22 -4.30 -8.49
N TRP A 60 -13.56 -4.47 -7.20
CA TRP A 60 -12.67 -5.21 -6.31
C TRP A 60 -12.62 -6.71 -6.63
N GLU A 61 -13.71 -7.25 -7.18
CA GLU A 61 -13.68 -8.67 -7.57
C GLU A 61 -12.59 -8.90 -8.61
N SER A 62 -12.57 -8.07 -9.66
CA SER A 62 -11.56 -8.19 -10.70
C SER A 62 -10.16 -8.01 -10.13
N ARG A 63 -10.00 -7.04 -9.25
CA ARG A 63 -8.69 -6.78 -8.65
C ARG A 63 -8.23 -7.96 -7.80
N ALA A 64 -9.16 -8.54 -7.01
CA ALA A 64 -8.83 -9.68 -6.17
C ALA A 64 -8.43 -10.89 -7.00
N GLU A 65 -9.12 -11.11 -8.12
CA GLU A 65 -8.73 -12.22 -9.00
C GLU A 65 -7.35 -11.96 -9.61
N SER A 66 -7.08 -10.72 -10.03
CA SER A 66 -5.80 -10.41 -10.65
C SER A 66 -4.64 -10.50 -9.68
N GLU A 67 -4.88 -10.26 -8.40
CA GLU A 67 -3.80 -10.29 -7.41
C GLU A 67 -3.62 -11.64 -6.75
N GLY A 68 -4.61 -12.53 -6.86
CA GLY A 68 -4.49 -13.82 -6.23
C GLY A 68 -4.55 -13.74 -4.71
N ASP A 69 -4.24 -14.87 -4.08
CA ASP A 69 -4.31 -15.01 -2.63
C ASP A 69 -2.94 -15.02 -1.98
N THR A 70 -1.94 -14.43 -2.65
CA THR A 70 -0.58 -14.40 -2.10
C THR A 70 -0.55 -13.82 -0.71
N ILE A 71 -1.17 -12.66 -0.52
CA ILE A 71 -1.17 -12.00 0.79
C ILE A 71 -1.86 -12.88 1.83
N ILE A 72 -3.08 -13.33 1.52
CA ILE A 72 -3.84 -14.14 2.48
C ILE A 72 -3.09 -15.41 2.83
N ASN A 73 -2.47 -16.06 1.83
CA ASN A 73 -1.78 -17.32 2.10
C ASN A 73 -0.56 -17.11 2.99
N ILE A 74 0.19 -16.03 2.77
CA ILE A 74 1.33 -15.72 3.63
C ILE A 74 0.89 -15.58 5.08
N LEU A 75 -0.21 -14.87 5.31
CA LEU A 75 -0.69 -14.68 6.67
C LEU A 75 -1.18 -15.99 7.28
N LYS A 76 -1.95 -16.78 6.52
CA LYS A 76 -2.47 -18.02 7.05
C LYS A 76 -1.36 -19.01 7.39
N GLU A 77 -0.35 -19.11 6.52
CA GLU A 77 0.76 -20.01 6.80
C GLU A 77 1.53 -19.62 8.05
N ARG A 78 1.38 -18.37 8.51
CA ARG A 78 2.00 -17.91 9.74
C ARG A 78 1.05 -17.97 10.94
N GLY A 79 -0.18 -18.46 10.76
CA GLY A 79 -1.13 -18.47 11.85
C GLY A 79 -1.59 -17.12 12.30
N VAL A 80 -1.49 -16.10 11.42
CA VAL A 80 -1.87 -14.74 11.77
C VAL A 80 -3.36 -14.66 12.08
N LYS A 81 -3.69 -13.94 13.15
CA LYS A 81 -5.07 -13.64 13.51
C LYS A 81 -5.37 -12.15 13.45
N LYS A 82 -4.61 -11.34 14.17
CA LYS A 82 -4.86 -9.90 14.25
C LYS A 82 -3.96 -9.16 13.27
N VAL A 83 -4.57 -8.36 12.40
CA VAL A 83 -3.87 -7.63 11.33
C VAL A 83 -4.14 -6.14 11.48
N LEU A 84 -3.09 -5.34 11.33
CA LEU A 84 -3.24 -3.89 11.23
C LEU A 84 -2.95 -3.48 9.79
N ASP A 85 -3.92 -2.84 9.14
CA ASP A 85 -3.73 -2.22 7.84
C ASP A 85 -3.35 -0.77 8.10
N VAL A 86 -2.11 -0.38 7.76
CA VAL A 86 -1.70 0.99 8.02
C VAL A 86 -1.93 1.91 6.84
N ALA A 87 -2.39 1.36 5.71
CA ALA A 87 -2.60 2.13 4.48
C ALA A 87 -3.95 1.77 3.89
N THR A 88 -5.01 1.97 4.68
CA THR A 88 -6.32 1.43 4.33
C THR A 88 -6.84 2.00 3.01
N GLY A 89 -6.64 3.29 2.78
CA GLY A 89 -7.17 3.92 1.56
C GLY A 89 -8.68 3.72 1.50
N THR A 90 -9.20 3.38 0.32
CA THR A 90 -10.63 3.12 0.25
C THR A 90 -11.00 1.71 0.73
N GLY A 91 -10.03 0.92 1.17
CA GLY A 91 -10.32 -0.28 1.95
C GLY A 91 -10.09 -1.62 1.27
N PHE A 92 -9.48 -1.66 0.08
CA PHE A 92 -9.43 -2.93 -0.65
C PHE A 92 -8.75 -4.02 0.17
N ASN A 93 -7.54 -3.76 0.66
CA ASN A 93 -6.83 -4.80 1.40
C ASN A 93 -7.57 -5.17 2.68
N SER A 94 -8.10 -4.18 3.38
CA SER A 94 -8.78 -4.47 4.64
C SER A 94 -10.01 -5.35 4.42
N VAL A 95 -10.81 -5.02 3.39
CA VAL A 95 -12.01 -5.80 3.15
C VAL A 95 -11.67 -7.20 2.69
N ARG A 96 -10.64 -7.34 1.84
CA ARG A 96 -10.17 -8.67 1.47
C ARG A 96 -9.77 -9.49 2.70
N LEU A 97 -9.11 -8.85 3.67
CA LEU A 97 -8.68 -9.60 4.85
C LEU A 97 -9.86 -9.91 5.77
N LEU A 98 -10.80 -8.96 5.89
CA LEU A 98 -12.01 -9.24 6.66
C LEU A 98 -12.78 -10.41 6.06
N GLN A 99 -12.93 -10.42 4.73
CA GLN A 99 -13.63 -11.53 4.07
C GLN A 99 -12.94 -12.86 4.32
N ALA A 100 -11.61 -12.85 4.49
CA ALA A 100 -10.86 -14.07 4.76
C ALA A 100 -10.88 -14.48 6.22
N GLY A 101 -11.56 -13.72 7.08
CA GLY A 101 -11.72 -14.11 8.46
C GLY A 101 -10.68 -13.56 9.42
N PHE A 102 -9.83 -12.63 8.98
CA PHE A 102 -8.87 -12.02 9.90
C PHE A 102 -9.55 -10.94 10.75
N ASP A 103 -9.01 -10.74 11.94
CA ASP A 103 -9.39 -9.61 12.79
C ASP A 103 -8.55 -8.41 12.35
N VAL A 104 -9.17 -7.44 11.69
CA VAL A 104 -8.46 -6.34 11.04
C VAL A 104 -8.78 -5.04 11.75
N VAL A 105 -7.74 -4.25 12.02
CA VAL A 105 -7.88 -2.84 12.37
C VAL A 105 -7.39 -2.04 11.18
N SER A 106 -8.18 -1.05 10.76
CA SER A 106 -7.95 -0.35 9.50
C SER A 106 -7.57 1.09 9.80
N ALA A 107 -6.28 1.40 9.65
CA ALA A 107 -5.76 2.73 9.93
C ALA A 107 -5.41 3.46 8.64
N ASP A 108 -5.45 4.78 8.70
CA ASP A 108 -5.06 5.65 7.61
C ASP A 108 -4.87 7.05 8.16
N GLY A 109 -3.99 7.83 7.52
CA GLY A 109 -3.86 9.21 7.93
C GLY A 109 -5.08 10.06 7.61
N SER A 110 -5.86 9.64 6.62
CA SER A 110 -6.95 10.46 6.07
C SER A 110 -8.31 10.01 6.60
N ALA A 111 -9.01 10.92 7.28
CA ALA A 111 -10.37 10.62 7.70
C ALA A 111 -11.30 10.42 6.50
N GLU A 112 -11.07 11.18 5.41
CA GLU A 112 -11.89 11.03 4.21
C GLU A 112 -11.74 9.62 3.62
N MET A 113 -10.52 9.11 3.58
CA MET A 113 -10.30 7.73 3.13
C MET A 113 -11.03 6.74 4.03
N LEU A 114 -10.90 6.90 5.34
CA LEU A 114 -11.50 5.95 6.28
C LEU A 114 -13.01 5.90 6.14
N VAL A 115 -13.65 7.04 5.86
CA VAL A 115 -15.10 7.03 5.65
C VAL A 115 -15.44 6.16 4.45
N LYS A 116 -14.72 6.34 3.36
CA LYS A 116 -14.96 5.52 2.16
C LYS A 116 -14.70 4.06 2.46
N ALA A 117 -13.60 3.76 3.16
CA ALA A 117 -13.29 2.38 3.50
C ALA A 117 -14.36 1.76 4.39
N PHE A 118 -14.84 2.50 5.39
CA PHE A 118 -15.87 1.95 6.27
C PHE A 118 -17.14 1.63 5.47
N ASP A 119 -17.55 2.54 4.59
CA ASP A 119 -18.78 2.30 3.83
C ASP A 119 -18.61 1.19 2.81
N ASN A 120 -17.41 1.05 2.23
CA ASN A 120 -17.16 -0.08 1.34
C ASN A 120 -17.20 -1.40 2.10
N ALA A 121 -16.62 -1.44 3.31
CA ALA A 121 -16.75 -2.63 4.14
C ALA A 121 -18.21 -2.93 4.46
N ARG A 122 -18.97 -1.89 4.85
CA ARG A 122 -20.40 -2.04 5.10
C ARG A 122 -21.10 -2.63 3.88
N ASP A 123 -20.77 -2.13 2.69
CA ASP A 123 -21.40 -2.66 1.47
C ASP A 123 -21.08 -4.12 1.23
N HIS A 124 -19.96 -4.62 1.76
CA HIS A 124 -19.60 -6.02 1.68
C HIS A 124 -20.03 -6.81 2.91
N GLY A 125 -20.82 -6.21 3.80
CA GLY A 125 -21.35 -6.91 4.95
C GLY A 125 -20.44 -7.03 6.15
N TYR A 126 -19.43 -6.16 6.28
CA TYR A 126 -18.49 -6.20 7.38
C TYR A 126 -18.44 -4.85 8.11
N LEU A 127 -18.22 -4.91 9.42
CA LEU A 127 -17.99 -3.74 10.25
C LEU A 127 -16.48 -3.48 10.33
N MET A 128 -16.04 -2.38 9.74
CA MET A 128 -14.63 -2.02 9.79
C MET A 128 -14.33 -1.36 11.13
N ARG A 129 -13.09 -1.54 11.61
CA ARG A 129 -12.61 -0.84 12.79
C ARG A 129 -11.63 0.21 12.30
N THR A 130 -12.11 1.44 12.09
CA THR A 130 -11.24 2.48 11.55
C THR A 130 -10.51 3.22 12.67
N VAL A 131 -9.28 3.65 12.38
CA VAL A 131 -8.52 4.53 13.28
C VAL A 131 -7.71 5.49 12.44
N GLN A 132 -7.89 6.79 12.66
CA GLN A 132 -7.03 7.77 12.01
C GLN A 132 -5.68 7.82 12.73
N ALA A 133 -4.60 7.68 11.96
CA ALA A 133 -3.27 7.61 12.55
C ALA A 133 -2.24 8.00 11.51
N ASP A 134 -1.19 8.67 11.95
CA ASP A 134 -0.06 8.99 11.09
C ASP A 134 1.06 7.99 11.34
N TRP A 135 1.68 7.51 10.26
CA TRP A 135 2.73 6.49 10.38
C TRP A 135 3.84 6.89 11.33
N ARG A 136 4.05 8.19 11.53
CA ARG A 136 5.15 8.64 12.38
C ARG A 136 4.79 8.66 13.87
N TRP A 137 3.54 8.38 14.23
CA TRP A 137 3.14 8.25 15.63
C TRP A 137 1.98 7.26 15.68
N MET A 138 2.27 6.00 15.34
CA MET A 138 1.21 5.03 15.13
C MET A 138 0.55 4.58 16.43
N ASN A 139 1.26 4.58 17.53
CA ASN A 139 0.70 4.11 18.78
C ASN A 139 -0.02 5.21 19.56
N LYS A 140 -0.25 6.37 18.94
CA LYS A 140 -0.94 7.45 19.63
C LYS A 140 -2.34 7.03 20.03
N ASP A 141 -3.05 6.34 19.13
CA ASP A 141 -4.41 5.89 19.41
C ASP A 141 -4.59 4.40 19.16
N ILE A 142 -3.50 3.68 18.91
CA ILE A 142 -3.51 2.23 18.72
C ILE A 142 -2.64 1.63 19.79
N HIS A 143 -3.25 0.86 20.69
CA HIS A 143 -2.51 0.35 21.82
C HIS A 143 -2.38 -1.17 21.84
N ASP A 144 -3.01 -1.87 20.90
CA ASP A 144 -2.77 -3.30 20.76
C ASP A 144 -1.47 -3.55 20.03
N LYS A 145 -1.04 -4.81 20.08
CA LYS A 145 -0.01 -5.31 19.19
C LYS A 145 -0.63 -6.33 18.26
N PHE A 146 0.00 -6.52 17.11
CA PHE A 146 -0.62 -7.24 16.01
C PHE A 146 0.26 -8.41 15.54
N ASP A 147 -0.39 -9.45 15.00
CA ASP A 147 0.35 -10.55 14.39
C ASP A 147 0.97 -10.14 13.06
N ALA A 148 0.33 -9.21 12.34
CA ALA A 148 0.83 -8.77 11.05
C ALA A 148 0.39 -7.33 10.81
N ILE A 149 1.22 -6.62 10.04
CA ILE A 149 0.87 -5.31 9.49
C ILE A 149 0.94 -5.42 7.97
N VAL A 150 -0.03 -4.82 7.28
CA VAL A 150 0.02 -4.71 5.83
C VAL A 150 0.11 -3.25 5.46
N CYS A 151 1.05 -2.94 4.56
CA CYS A 151 1.26 -1.59 4.05
C CYS A 151 1.38 -1.78 2.54
N LEU A 152 0.25 -1.83 1.85
CA LEU A 152 0.19 -2.34 0.48
C LEU A 152 -0.33 -1.28 -0.48
N GLY A 153 -0.33 -1.63 -1.77
CA GLY A 153 -0.76 -0.70 -2.81
C GLY A 153 0.26 0.37 -3.14
N ASN A 154 1.55 0.11 -2.88
CA ASN A 154 2.63 1.08 -3.14
C ASN A 154 2.39 2.36 -2.35
N SER A 155 2.18 2.22 -1.05
CA SER A 155 1.89 3.36 -0.19
C SER A 155 3.17 3.95 0.44
N PHE A 156 4.09 3.09 0.85
CA PHE A 156 5.29 3.54 1.56
C PHE A 156 6.09 4.54 0.72
N THR A 157 6.06 4.38 -0.60
CA THR A 157 6.77 5.26 -1.53
C THR A 157 6.28 6.70 -1.48
N HIS A 158 5.20 6.99 -0.75
CA HIS A 158 4.72 8.36 -0.60
C HIS A 158 5.65 9.22 0.24
N LEU A 159 6.49 8.60 1.08
CA LEU A 159 7.39 9.35 1.95
C LEU A 159 8.64 9.79 1.18
N PHE A 160 8.91 11.08 1.15
CA PHE A 160 10.09 11.56 0.45
C PHE A 160 11.29 11.81 1.36
N ASP A 161 11.12 11.73 2.67
CA ASP A 161 12.18 12.06 3.62
C ASP A 161 12.67 10.78 4.29
N GLU A 162 14.00 10.58 4.32
CA GLU A 162 14.51 9.33 4.86
C GLU A 162 14.21 9.20 6.35
N GLY A 163 14.32 10.29 7.11
CA GLY A 163 13.95 10.25 8.51
C GLY A 163 12.52 9.78 8.71
N ASP A 164 11.60 10.25 7.86
CA ASP A 164 10.21 9.81 7.95
C ASP A 164 10.09 8.32 7.64
N ARG A 165 10.86 7.82 6.67
CA ARG A 165 10.85 6.40 6.34
C ARG A 165 11.26 5.54 7.54
N ARG A 166 12.38 5.89 8.17
CA ARG A 166 12.81 5.11 9.33
C ARG A 166 11.79 5.21 10.44
N LYS A 167 11.30 6.42 10.70
CA LYS A 167 10.29 6.61 11.75
C LYS A 167 9.09 5.73 11.50
N ALA A 168 8.59 5.71 10.26
CA ALA A 168 7.40 4.91 9.95
C ALA A 168 7.67 3.43 10.17
N LEU A 169 8.79 2.94 9.67
CA LEU A 169 9.09 1.51 9.85
C LEU A 169 9.31 1.18 11.31
N ALA A 170 9.92 2.09 12.08
CA ALA A 170 10.08 1.84 13.52
C ALA A 170 8.73 1.80 14.22
N GLU A 171 7.79 2.66 13.81
CA GLU A 171 6.46 2.62 14.39
C GLU A 171 5.77 1.30 14.07
N PHE A 172 5.91 0.82 12.83
CA PHE A 172 5.32 -0.48 12.48
C PHE A 172 5.94 -1.59 13.31
N TYR A 173 7.27 -1.60 13.41
CA TYR A 173 7.98 -2.58 14.22
C TYR A 173 7.45 -2.64 15.64
N ALA A 174 7.24 -1.46 16.25
CA ALA A 174 6.82 -1.43 17.64
C ALA A 174 5.41 -1.94 17.83
N LEU A 175 4.58 -1.87 16.78
CA LEU A 175 3.20 -2.36 16.88
C LEU A 175 3.08 -3.86 16.67
N LEU A 176 4.15 -4.54 16.26
CA LEU A 176 4.10 -5.97 16.03
C LEU A 176 4.38 -6.74 17.32
N LYS A 177 3.64 -7.83 17.50
CA LYS A 177 3.98 -8.81 18.52
C LYS A 177 5.35 -9.41 18.21
N HIS A 178 5.89 -10.13 19.20
CA HIS A 178 7.27 -10.58 19.14
C HIS A 178 7.57 -11.36 17.86
N ASP A 179 6.66 -12.25 17.46
CA ASP A 179 6.83 -13.04 16.24
C ASP A 179 5.99 -12.51 15.08
N GLY A 180 5.79 -11.20 15.00
CA GLY A 180 4.95 -10.62 13.97
C GLY A 180 5.69 -10.38 12.66
N VAL A 181 4.93 -10.01 11.65
CA VAL A 181 5.45 -9.85 10.30
C VAL A 181 4.86 -8.60 9.68
N LEU A 182 5.66 -7.89 8.90
CA LEU A 182 5.24 -6.72 8.15
C LEU A 182 5.26 -7.06 6.67
N LEU A 183 4.13 -6.82 5.99
CA LEU A 183 4.02 -7.02 4.54
C LEU A 183 3.96 -5.63 3.92
N LEU A 184 4.97 -5.30 3.11
CA LEU A 184 5.10 -3.94 2.59
C LEU A 184 5.47 -4.05 1.13
N ASP A 185 4.68 -3.44 0.25
CA ASP A 185 4.98 -3.58 -1.16
C ASP A 185 5.42 -2.25 -1.77
N GLN A 186 5.84 -2.33 -3.03
CA GLN A 186 6.30 -1.16 -3.75
C GLN A 186 6.34 -1.49 -5.22
N ARG A 187 6.25 -0.45 -6.05
CA ARG A 187 6.58 -0.63 -7.45
C ARG A 187 8.07 -0.94 -7.61
N ASN A 188 8.38 -1.59 -8.74
CA ASN A 188 9.75 -1.95 -9.09
C ASN A 188 10.37 -0.71 -9.72
N TYR A 189 11.00 0.11 -8.89
CA TYR A 189 11.66 1.32 -9.41
C TYR A 189 13.06 1.04 -9.96
N ASP A 190 13.68 -0.06 -9.55
CA ASP A 190 14.99 -0.43 -10.10
C ASP A 190 14.93 -0.50 -11.63
N ALA A 191 13.95 -1.22 -12.16
CA ALA A 191 13.85 -1.40 -13.60
C ALA A 191 13.64 -0.07 -14.30
N ILE A 192 12.96 0.87 -13.64
CA ILE A 192 12.70 2.18 -14.20
C ILE A 192 13.91 3.07 -14.08
N LEU A 193 14.61 3.03 -12.94
CA LEU A 193 15.79 3.87 -12.74
C LEU A 193 16.96 3.44 -13.61
N ASP A 194 17.03 2.15 -13.94
CA ASP A 194 18.11 1.65 -14.77
C ASP A 194 17.77 1.68 -16.25
N ASP A 195 16.71 2.41 -16.64
CA ASP A 195 16.38 2.64 -18.05
C ASP A 195 16.05 1.34 -18.77
N GLY A 196 15.39 0.43 -18.05
CA GLY A 196 14.96 -0.82 -18.64
C GLY A 196 13.67 -0.70 -19.42
N TYR A 197 13.23 -1.84 -19.94
CA TYR A 197 12.02 -1.90 -20.75
C TYR A 197 10.84 -1.22 -20.05
N SER A 198 10.70 -1.43 -18.74
CA SER A 198 9.55 -0.89 -18.03
C SER A 198 9.61 0.63 -17.88
N SER A 199 10.76 1.25 -18.17
CA SER A 199 10.88 2.71 -18.08
C SER A 199 10.40 3.40 -19.35
N LYS A 200 10.28 2.66 -20.44
CA LYS A 200 9.96 3.22 -21.75
C LYS A 200 8.55 2.90 -22.20
N HIS A 201 7.76 2.26 -21.33
CA HIS A 201 6.47 1.72 -21.71
C HIS A 201 5.47 1.91 -20.58
N ALA A 202 4.21 2.06 -20.95
CA ALA A 202 3.18 2.11 -19.94
C ALA A 202 2.83 0.71 -19.44
N HIS A 203 2.30 0.67 -18.23
CA HIS A 203 1.86 -0.56 -17.58
C HIS A 203 0.36 -0.45 -17.31
N TYR A 204 -0.38 -1.51 -17.67
CA TYR A 204 -1.82 -1.47 -17.60
C TYR A 204 -2.33 -2.33 -16.45
N TYR A 205 -3.49 -1.95 -15.91
CA TYR A 205 -4.12 -2.69 -14.82
C TYR A 205 -5.61 -2.82 -15.10
N CYS A 206 -6.17 -3.96 -14.68
CA CYS A 206 -7.56 -4.33 -14.93
C CYS A 206 -7.85 -4.28 -16.43
N GLY A 207 -7.22 -5.22 -17.15
CA GLY A 207 -7.25 -5.15 -18.59
C GLY A 207 -6.57 -3.87 -19.03
N ASP A 208 -7.26 -3.07 -19.83
CA ASP A 208 -6.74 -1.78 -20.29
C ASP A 208 -7.41 -0.60 -19.58
N THR A 209 -8.00 -0.83 -18.40
CA THR A 209 -8.77 0.22 -17.74
C THR A 209 -7.91 1.41 -17.36
N VAL A 210 -6.65 1.20 -16.97
CA VAL A 210 -5.78 2.31 -16.61
C VAL A 210 -4.36 1.98 -17.10
N SER A 211 -3.67 3.00 -17.62
CA SER A 211 -2.27 2.85 -17.95
C SER A 211 -1.46 3.73 -17.00
N VAL A 212 -0.26 3.26 -16.67
CA VAL A 212 0.61 3.92 -15.70
C VAL A 212 1.98 4.08 -16.36
N TYR A 213 2.41 5.32 -16.58
CA TYR A 213 3.60 5.58 -17.36
C TYR A 213 4.56 6.45 -16.55
N PRO A 214 5.83 6.07 -16.42
CA PRO A 214 6.78 6.90 -15.68
C PRO A 214 7.24 8.11 -16.49
N GLU A 215 6.48 9.20 -16.36
CA GLU A 215 6.73 10.43 -17.13
C GLU A 215 8.10 11.01 -16.86
N HIS A 216 8.48 11.07 -15.60
CA HIS A 216 9.76 11.61 -15.19
C HIS A 216 10.34 10.74 -14.11
N VAL A 217 11.63 10.42 -14.22
CA VAL A 217 12.30 9.60 -13.25
C VAL A 217 13.65 10.22 -12.95
N ASP A 218 13.94 10.44 -11.68
CA ASP A 218 15.31 10.67 -11.26
C ASP A 218 15.50 9.98 -9.92
N GLU A 219 16.74 10.04 -9.41
CA GLU A 219 17.09 9.31 -8.20
C GLU A 219 16.19 9.64 -7.03
N GLY A 220 15.56 10.82 -7.02
CA GLY A 220 14.78 11.22 -5.87
C GLY A 220 13.31 11.44 -6.12
N LEU A 221 12.84 11.15 -7.34
CA LEU A 221 11.46 11.43 -7.69
C LEU A 221 11.07 10.66 -8.95
N ALA A 222 9.91 10.01 -8.91
CA ALA A 222 9.25 9.46 -10.08
C ALA A 222 7.86 10.05 -10.16
N ARG A 223 7.51 10.63 -11.31
CA ARG A 223 6.16 11.12 -11.54
C ARG A 223 5.50 10.20 -12.54
N PHE A 224 4.37 9.59 -12.15
CA PHE A 224 3.65 8.65 -12.99
C PHE A 224 2.42 9.33 -13.56
N LYS A 225 2.20 9.12 -14.86
CA LYS A 225 0.95 9.50 -15.51
C LYS A 225 0.00 8.29 -15.47
N TYR A 226 -1.16 8.49 -14.87
CA TYR A 226 -2.22 7.48 -14.82
C TYR A 226 -3.32 7.93 -15.77
N GLU A 227 -3.58 7.15 -16.82
CA GLU A 227 -4.61 7.52 -17.79
C GLU A 227 -5.68 6.44 -17.80
N PHE A 228 -6.92 6.82 -17.48
CA PHE A 228 -8.02 5.89 -17.36
C PHE A 228 -8.79 5.78 -18.68
N SER A 229 -9.56 4.70 -18.79
CA SER A 229 -10.27 4.42 -20.03
C SER A 229 -11.33 5.47 -20.35
N ASP A 230 -11.76 6.26 -19.37
CA ASP A 230 -12.72 7.31 -19.62
C ASP A 230 -12.07 8.63 -19.99
N GLY A 231 -10.74 8.64 -20.17
CA GLY A 231 -10.01 9.84 -20.52
C GLY A 231 -9.42 10.60 -19.34
N SER A 232 -9.77 10.25 -18.11
CA SER A 232 -9.23 10.93 -16.94
C SER A 232 -7.72 10.71 -16.88
N VAL A 233 -6.99 11.77 -16.51
CA VAL A 233 -5.54 11.66 -16.30
C VAL A 233 -5.20 12.23 -14.94
N TYR A 234 -4.39 11.50 -14.17
CA TYR A 234 -3.84 11.99 -12.92
C TYR A 234 -2.33 11.82 -12.94
N ASN A 235 -1.60 12.78 -12.39
CA ASN A 235 -0.15 12.69 -12.31
C ASN A 235 0.25 12.72 -10.84
N LEU A 236 0.99 11.70 -10.40
CA LEU A 236 1.28 11.54 -8.98
C LEU A 236 2.78 11.33 -8.79
N ASN A 237 3.33 11.94 -7.74
CA ASN A 237 4.74 11.81 -7.40
C ASN A 237 4.97 10.71 -6.37
N MET A 238 6.07 9.98 -6.55
CA MET A 238 6.47 8.89 -5.66
CA MET A 238 6.48 8.93 -5.64
C MET A 238 7.99 8.95 -5.47
N PHE A 239 8.44 8.46 -4.32
CA PHE A 239 9.88 8.32 -4.13
C PHE A 239 10.32 6.96 -4.67
N PRO A 240 11.28 6.92 -5.64
CA PRO A 240 11.62 5.67 -6.34
C PRO A 240 12.58 4.77 -5.55
N LEU A 241 12.03 4.12 -4.53
CA LEU A 241 12.79 3.25 -3.63
C LEU A 241 13.41 2.08 -4.38
N ARG A 242 14.72 1.96 -4.34
CA ARG A 242 15.32 0.74 -4.86
C ARG A 242 15.03 -0.43 -3.93
N LYS A 243 14.86 -1.60 -4.54
CA LYS A 243 14.48 -2.79 -3.77
C LYS A 243 15.44 -3.04 -2.61
N ASP A 244 16.74 -2.95 -2.86
CA ASP A 244 17.70 -3.23 -1.80
C ASP A 244 17.77 -2.13 -0.77
N TYR A 245 17.39 -0.90 -1.14
CA TYR A 245 17.32 0.18 -0.16
C TYR A 245 16.17 -0.03 0.81
N THR A 246 15.01 -0.48 0.33
CA THR A 246 13.91 -0.79 1.22
C THR A 246 14.29 -1.91 2.18
N ARG A 247 14.93 -2.97 1.66
CA ARG A 247 15.41 -4.05 2.52
C ARG A 247 16.39 -3.53 3.56
N GLN A 248 17.29 -2.62 3.15
CA GLN A 248 18.25 -2.09 4.09
C GLN A 248 17.56 -1.32 5.21
N LEU A 249 16.58 -0.48 4.86
CA LEU A 249 15.84 0.26 5.88
C LEU A 249 15.14 -0.67 6.84
N LEU A 250 14.50 -1.73 6.32
CA LEU A 250 13.83 -2.69 7.17
C LEU A 250 14.82 -3.39 8.10
N HIS A 251 15.95 -3.86 7.56
CA HIS A 251 16.98 -4.45 8.42
C HIS A 251 17.45 -3.44 9.47
N GLU A 252 17.63 -2.18 9.06
CA GLU A 252 18.25 -1.22 9.98
C GLU A 252 17.34 -0.84 11.13
N VAL A 253 16.02 -0.89 10.96
CA VAL A 253 15.16 -0.59 12.11
C VAL A 253 14.95 -1.79 13.01
N GLY A 254 15.42 -2.97 12.64
CA GLY A 254 15.40 -4.10 13.55
C GLY A 254 14.79 -5.38 13.01
N PHE A 255 14.16 -5.34 11.83
CA PHE A 255 13.60 -6.57 11.28
C PHE A 255 14.71 -7.57 11.01
N GLN A 256 14.44 -8.84 11.36
CA GLN A 256 15.47 -9.86 11.37
C GLN A 256 15.67 -10.51 10.01
N GLU A 257 14.60 -11.03 9.41
CA GLU A 257 14.65 -11.74 8.14
C GLU A 257 13.67 -11.09 7.18
N ILE A 258 14.12 -10.82 5.95
CA ILE A 258 13.27 -10.20 4.93
C ILE A 258 13.34 -11.05 3.67
N ASN A 259 12.17 -11.46 3.16
CA ASN A 259 12.09 -12.12 1.87
C ASN A 259 11.32 -11.21 0.93
N THR A 260 11.93 -10.89 -0.20
CA THR A 260 11.34 -9.96 -1.17
C THR A 260 10.89 -10.78 -2.38
N LEU A 261 9.60 -10.71 -2.68
CA LEU A 261 8.96 -11.52 -3.71
C LEU A 261 8.64 -10.65 -4.91
N GLY A 262 8.89 -11.16 -6.11
CA GLY A 262 8.37 -10.51 -7.29
C GLY A 262 6.85 -10.62 -7.31
N ASP A 263 6.19 -9.52 -7.62
CA ASP A 263 4.73 -9.42 -7.56
C ASP A 263 4.27 -8.88 -8.91
N PHE A 264 3.69 -9.76 -9.72
CA PHE A 264 3.31 -9.43 -11.10
C PHE A 264 1.83 -9.06 -11.09
N LYS A 265 1.55 -7.76 -11.19
CA LYS A 265 0.19 -7.27 -11.12
C LYS A 265 -0.36 -6.76 -12.45
N GLU A 266 0.52 -6.34 -13.35
CA GLU A 266 0.07 -5.64 -14.54
C GLU A 266 -0.55 -6.60 -15.56
N THR A 267 -1.28 -6.01 -16.51
CA THR A 267 -2.00 -6.81 -17.50
C THR A 267 -1.05 -7.50 -18.48
N TYR A 268 -0.01 -6.80 -18.94
CA TYR A 268 0.88 -7.35 -19.95
C TYR A 268 2.21 -7.60 -19.25
N LYS A 269 2.36 -8.83 -18.76
CA LYS A 269 3.49 -9.16 -17.92
C LYS A 269 4.80 -9.11 -18.68
N GLU A 270 5.85 -8.74 -17.96
CA GLU A 270 7.20 -8.58 -18.51
C GLU A 270 8.14 -9.49 -17.72
N ASP A 271 9.40 -9.53 -18.16
CA ASP A 271 10.40 -10.33 -17.48
C ASP A 271 10.56 -9.88 -16.03
N GLU A 272 10.57 -8.58 -15.81
CA GLU A 272 10.66 -7.97 -14.49
C GLU A 272 9.27 -7.77 -13.90
N PRO A 273 9.06 -8.08 -12.62
CA PRO A 273 7.78 -7.75 -12.00
C PRO A 273 7.58 -6.25 -11.90
N ASP A 274 6.31 -5.82 -11.93
CA ASP A 274 6.05 -4.41 -11.76
C ASP A 274 5.98 -4.01 -10.29
N PHE A 275 5.84 -4.97 -9.38
CA PHE A 275 5.86 -4.70 -7.94
C PHE A 275 6.80 -5.66 -7.24
N PHE A 276 7.23 -5.28 -6.03
CA PHE A 276 7.89 -6.18 -5.09
C PHE A 276 7.07 -6.22 -3.80
N LEU A 277 7.06 -7.38 -3.14
CA LEU A 277 6.40 -7.53 -1.85
C LEU A 277 7.45 -7.96 -0.85
N HIS A 278 7.70 -7.12 0.15
CA HIS A 278 8.64 -7.47 1.21
C HIS A 278 7.89 -8.13 2.35
N VAL A 279 8.37 -9.28 2.79
CA VAL A 279 7.81 -10.00 3.93
C VAL A 279 8.88 -9.92 5.02
N ALA A 280 8.69 -9.02 5.98
CA ALA A 280 9.73 -8.72 6.96
C ALA A 280 9.33 -9.27 8.33
N GLU A 281 10.14 -10.18 8.86
CA GLU A 281 9.84 -10.80 10.13
C GLU A 281 10.49 -10.00 11.26
N LYS A 282 9.70 -9.75 12.32
CA LYS A 282 10.23 -8.99 13.43
C LYS A 282 11.30 -9.76 14.18
N ASN A 283 11.11 -11.06 14.39
CA ASN A 283 12.13 -11.86 15.07
C ASN A 283 12.36 -13.18 14.35
#